data_3MQQ
#
_entry.id   3MQQ
#
_cell.length_a   57.438
_cell.length_b   35.726
_cell.length_c   66.986
_cell.angle_alpha   90.000
_cell.angle_beta   91.490
_cell.angle_gamma   90.000
#
_symmetry.space_group_name_H-M   'P 1 2 1'
#
loop_
_entity.id
_entity.type
_entity.pdbx_description
1 polymer 'Transcriptional regulator, LuxR family'
2 non-polymer ETHANOL
3 non-polymer 1,2-ETHANEDIOL
4 non-polymer 'SODIUM ION'
5 water water
#
_entity_poly.entity_id   1
_entity_poly.type   'polypeptide(L)'
_entity_poly.pdbx_seq_one_letter_code
;PAIDYKTAFHLAPIGLVLSRDRVIEDCNDELAAIFRCARADLIGRSFEVLYPSSDEFERIGERISPV(MSE)IAHGSYAD
DRI(MSE)KRAGGELFWCHVTGRALDRTAPLAAGVWTFEDLSATRRVA
;
_entity_poly.pdbx_strand_id   A,B
#
loop_
_chem_comp.id
_chem_comp.type
_chem_comp.name
_chem_comp.formula
EDO non-polymer 1,2-ETHANEDIOL 'C2 H6 O2'
EOH non-polymer ETHANOL 'C2 H6 O'
NA non-polymer 'SODIUM ION' 'Na 1'
#
# COMPACT_ATOMS: atom_id res chain seq x y z
N ILE A 3 17.67 -2.08 1.78
CA ILE A 3 16.40 -2.44 2.48
C ILE A 3 15.89 -3.82 2.02
N ASP A 4 15.80 -4.76 2.96
CA ASP A 4 15.32 -6.09 2.62
C ASP A 4 13.80 -6.16 2.77
N TYR A 5 13.21 -7.30 2.43
CA TYR A 5 11.75 -7.35 2.32
C TYR A 5 11.06 -7.25 3.68
N LYS A 6 11.69 -7.81 4.72
CA LYS A 6 11.21 -7.71 6.10
C LYS A 6 11.18 -6.26 6.60
N THR A 7 12.31 -5.56 6.42
CA THR A 7 12.43 -4.15 6.75
C THR A 7 11.39 -3.29 6.01
N ALA A 8 11.24 -3.52 4.71
CA ALA A 8 10.23 -2.82 3.91
C ALA A 8 8.83 -2.96 4.50
N PHE A 9 8.44 -4.19 4.83
CA PHE A 9 7.13 -4.46 5.41
C PHE A 9 6.97 -3.62 6.66
N HIS A 10 7.98 -3.66 7.52
CA HIS A 10 7.90 -2.94 8.80
C HIS A 10 8.01 -1.42 8.72
N LEU A 11 8.67 -0.92 7.68
CA LEU A 11 8.86 0.52 7.45
C LEU A 11 7.71 1.20 6.70
N ALA A 12 6.87 0.40 6.03
CA ALA A 12 5.95 0.93 5.05
C ALA A 12 5.02 1.98 5.66
N PRO A 13 4.76 3.06 4.92
CA PRO A 13 3.92 4.17 5.37
C PRO A 13 2.42 3.90 5.34
N ILE A 14 2.04 2.69 4.95
CA ILE A 14 0.64 2.26 5.04
C ILE A 14 0.52 1.02 5.90
N GLY A 15 -0.66 0.79 6.46
CA GLY A 15 -0.84 -0.45 7.23
C GLY A 15 -0.75 -1.67 6.33
N LEU A 16 0.00 -2.69 6.76
CA LEU A 16 0.11 -3.90 5.97
C LEU A 16 -0.22 -5.09 6.87
N VAL A 17 -0.91 -6.07 6.28
CA VAL A 17 -1.29 -7.30 7.03
C VAL A 17 -0.96 -8.52 6.18
N LEU A 18 -0.32 -9.53 6.78
CA LEU A 18 -0.33 -10.85 6.14
C LEU A 18 -1.44 -11.60 6.86
N SER A 19 -2.42 -12.09 6.11
CA SER A 19 -3.63 -12.63 6.74
C SER A 19 -3.77 -14.13 6.41
N ARG A 20 -4.59 -14.83 7.18
CA ARG A 20 -5.07 -16.16 6.81
C ARG A 20 -6.46 -16.30 7.42
N ASP A 21 -7.45 -16.62 6.59
CA ASP A 21 -8.84 -16.86 7.07
C ASP A 21 -9.38 -15.70 7.92
N ARG A 22 -9.11 -14.49 7.46
CA ARG A 22 -9.57 -13.25 8.06
C ARG A 22 -8.98 -12.98 9.42
N VAL A 23 -7.84 -13.60 9.70
CA VAL A 23 -7.10 -13.32 10.92
C VAL A 23 -5.77 -12.69 10.57
N ILE A 24 -5.37 -11.71 11.35
CA ILE A 24 -4.06 -11.05 11.12
C ILE A 24 -2.93 -11.96 11.62
N GLU A 25 -2.06 -12.43 10.71
CA GLU A 25 -0.90 -13.29 11.10
C GLU A 25 0.34 -12.45 11.38
N ASP A 26 0.47 -11.37 10.62
CA ASP A 26 1.52 -10.38 10.86
C ASP A 26 1.05 -9.04 10.38
N CYS A 27 1.54 -8.00 11.03
CA CYS A 27 1.22 -6.64 10.58
C CYS A 27 2.36 -5.72 10.96
N ASN A 28 2.34 -4.50 10.40
CA ASN A 28 3.42 -3.54 10.63
C ASN A 28 2.97 -2.49 11.64
N ASP A 29 3.91 -1.66 12.10
CA ASP A 29 3.59 -0.65 13.10
C ASP A 29 2.60 0.39 12.55
N GLU A 30 2.63 0.62 11.25
CA GLU A 30 1.65 1.59 10.69
C GLU A 30 0.22 1.13 10.90
N LEU A 31 -0.02 -0.17 10.81
CA LEU A 31 -1.39 -0.67 11.01
C LEU A 31 -1.79 -0.38 12.47
N ALA A 32 -0.87 -0.66 13.39
CA ALA A 32 -1.03 -0.32 14.81
C ALA A 32 -1.29 1.17 15.00
N ALA A 33 -0.52 2.01 14.29
CA ALA A 33 -0.71 3.48 14.34
C ALA A 33 -2.10 3.92 13.88
N ILE A 34 -2.59 3.37 12.77
CA ILE A 34 -3.92 3.70 12.27
C ILE A 34 -4.98 3.31 13.29
N PHE A 35 -4.85 2.12 13.85
CA PHE A 35 -5.88 1.63 14.77
C PHE A 35 -5.67 2.02 16.23
N ARG A 36 -4.65 2.87 16.46
CA ARG A 36 -4.33 3.43 17.77
C ARG A 36 -4.08 2.35 18.83
N CYS A 37 -3.27 1.38 18.45
CA CYS A 37 -2.93 0.29 19.35
C CYS A 37 -1.49 -0.21 19.15
N ALA A 38 -1.17 -1.36 19.76
CA ALA A 38 0.14 -2.01 19.60
C ALA A 38 0.01 -3.18 18.62
N ARG A 39 1.11 -3.56 17.97
CA ARG A 39 1.12 -4.74 17.08
C ARG A 39 0.67 -6.01 17.83
N ALA A 40 1.08 -6.11 19.09
CA ALA A 40 0.67 -7.26 19.94
C ALA A 40 -0.85 -7.32 20.14
N ASP A 41 -1.54 -6.20 20.02
CA ASP A 41 -3.00 -6.17 20.11
C ASP A 41 -3.65 -6.75 18.86
N LEU A 42 -2.90 -6.79 17.75
CA LEU A 42 -3.46 -7.13 16.46
C LEU A 42 -3.06 -8.51 15.97
N ILE A 43 -1.91 -8.98 16.39
CA ILE A 43 -1.35 -10.27 15.96
CA ILE A 43 -1.42 -10.24 15.87
C ILE A 43 -2.25 -11.40 16.44
N GLY A 44 -2.78 -12.20 15.52
CA GLY A 44 -3.61 -13.33 15.92
C GLY A 44 -5.05 -12.90 16.15
N ARG A 45 -5.35 -11.65 15.81
CA ARG A 45 -6.66 -11.09 15.94
C ARG A 45 -7.48 -11.22 14.63
N SER A 46 -8.76 -11.63 14.74
CA SER A 46 -9.71 -11.50 13.61
C SER A 46 -9.85 -10.06 13.12
N PHE A 47 -9.88 -9.88 11.79
CA PHE A 47 -10.25 -8.60 11.19
C PHE A 47 -11.55 -8.04 11.77
N GLU A 48 -12.41 -8.91 12.29
CA GLU A 48 -13.71 -8.49 12.81
C GLU A 48 -13.57 -7.31 13.78
N VAL A 49 -12.50 -7.29 14.54
CA VAL A 49 -12.34 -6.30 15.63
C VAL A 49 -12.10 -4.89 15.09
N LEU A 50 -11.69 -4.83 13.84
CA LEU A 50 -11.39 -3.59 13.16
C LEU A 50 -12.62 -2.97 12.53
N TYR A 51 -13.69 -3.76 12.40
CA TYR A 51 -14.90 -3.26 11.75
C TYR A 51 -15.78 -2.53 12.77
N PRO A 52 -16.74 -1.70 12.30
CA PRO A 52 -17.65 -1.03 13.23
C PRO A 52 -18.55 -2.00 14.01
N SER A 53 -18.85 -3.15 13.42
CA SER A 53 -19.68 -4.18 14.04
C SER A 53 -19.41 -5.56 13.43
N SER A 54 -19.93 -6.61 14.06
CA SER A 54 -19.83 -7.96 13.50
CA SER A 54 -19.85 -7.96 13.51
C SER A 54 -20.64 -8.04 12.21
N ASP A 55 -21.77 -7.34 12.16
CA ASP A 55 -22.57 -7.30 10.94
C ASP A 55 -21.81 -6.74 9.74
N GLU A 56 -21.05 -5.67 9.96
CA GLU A 56 -20.22 -5.10 8.90
C GLU A 56 -19.11 -6.05 8.44
N PHE A 57 -18.46 -6.70 9.41
CA PHE A 57 -17.44 -7.69 9.11
C PHE A 57 -18.02 -8.80 8.21
N GLU A 58 -19.25 -9.23 8.51
CA GLU A 58 -19.92 -10.28 7.72
C GLU A 58 -20.34 -9.79 6.32
N ARG A 59 -20.89 -8.57 6.27
CA ARG A 59 -21.41 -8.00 5.03
C ARG A 59 -20.29 -7.74 4.04
N ILE A 60 -19.19 -7.18 4.53
CA ILE A 60 -18.08 -6.82 3.66
C ILE A 60 -17.31 -8.08 3.20
N GLY A 61 -17.28 -9.11 4.05
CA GLY A 61 -16.70 -10.40 3.67
C GLY A 61 -17.47 -11.00 2.49
N GLU A 62 -18.79 -10.88 2.51
CA GLU A 62 -19.60 -11.37 1.41
C GLU A 62 -19.43 -10.52 0.14
N ARG A 63 -19.00 -9.27 0.32
CA ARG A 63 -18.69 -8.39 -0.81
C ARG A 63 -17.32 -8.72 -1.41
N ILE A 64 -16.35 -9.03 -0.54
CA ILE A 64 -14.98 -9.30 -0.97
C ILE A 64 -14.87 -10.60 -1.76
N SER A 65 -15.58 -11.63 -1.29
CA SER A 65 -15.36 -12.99 -1.84
C SER A 65 -15.56 -13.08 -3.37
N PRO A 66 -16.76 -12.73 -3.87
CA PRO A 66 -16.97 -12.82 -5.33
C PRO A 66 -16.12 -11.84 -6.14
N VAL A 67 -15.79 -10.68 -5.56
CA VAL A 67 -14.95 -9.70 -6.28
C VAL A 67 -13.53 -10.22 -6.43
N MSE A 68 -12.99 -10.75 -5.33
CA MSE A 68 -11.63 -11.25 -5.33
C MSE A 68 -11.50 -12.41 -6.32
O MSE A 68 -10.51 -12.51 -7.05
CB MSE A 68 -11.20 -11.67 -3.91
CG MSE A 68 -9.80 -12.26 -3.82
SE MSE A 68 -8.43 -10.85 -3.90
CE MSE A 68 -8.45 -10.32 -2.00
N ILE A 69 -12.53 -13.26 -6.34
CA ILE A 69 -12.50 -14.43 -7.24
C ILE A 69 -12.57 -13.99 -8.70
N ALA A 70 -13.48 -13.07 -9.01
CA ALA A 70 -13.66 -12.57 -10.38
C ALA A 70 -12.45 -11.82 -10.93
N HIS A 71 -11.76 -11.06 -10.07
CA HIS A 71 -10.71 -10.16 -10.54
C HIS A 71 -9.29 -10.50 -10.11
N GLY A 72 -9.16 -11.29 -9.05
CA GLY A 72 -7.85 -11.61 -8.49
C GLY A 72 -7.26 -10.55 -7.57
N SER A 73 -8.01 -9.47 -7.33
CA SER A 73 -7.60 -8.45 -6.34
C SER A 73 -8.85 -7.76 -5.88
N TYR A 74 -8.71 -6.92 -4.84
CA TYR A 74 -9.84 -6.25 -4.23
C TYR A 74 -9.41 -4.87 -3.72
N ALA A 75 -10.26 -3.86 -3.91
CA ALA A 75 -10.08 -2.55 -3.24
C ALA A 75 -11.43 -1.91 -2.92
N ASP A 76 -11.50 -1.18 -1.81
CA ASP A 76 -12.69 -0.39 -1.52
C ASP A 76 -12.35 0.67 -0.51
N ASP A 77 -13.33 1.50 -0.20
CA ASP A 77 -13.25 2.41 0.91
C ASP A 77 -14.38 1.98 1.81
N ARG A 78 -14.10 1.96 3.10
CA ARG A 78 -15.16 1.64 4.08
C ARG A 78 -14.91 2.27 5.42
N ILE A 79 -15.95 2.31 6.24
CA ILE A 79 -15.77 2.81 7.58
C ILE A 79 -15.19 1.72 8.47
N MSE A 80 -14.14 2.06 9.20
CA MSE A 80 -13.48 1.14 10.14
C MSE A 80 -13.45 1.77 11.54
O MSE A 80 -13.86 2.91 11.71
CB MSE A 80 -12.08 0.79 9.63
CG MSE A 80 -12.12 0.02 8.30
SE MSE A 80 -13.08 -1.71 8.35
CE MSE A 80 -11.62 -2.86 8.93
N LYS A 81 -12.98 1.02 12.54
CA LYS A 81 -13.07 1.50 13.92
C LYS A 81 -11.73 1.37 14.65
N ARG A 82 -11.22 2.50 15.14
CA ARG A 82 -10.00 2.49 15.95
C ARG A 82 -10.24 1.86 17.31
N ALA A 83 -9.16 1.40 17.94
CA ALA A 83 -9.28 0.95 19.32
C ALA A 83 -9.85 2.12 20.11
N GLY A 84 -10.86 1.86 20.94
CA GLY A 84 -11.54 2.94 21.65
C GLY A 84 -12.82 3.41 21.00
N GLY A 85 -13.01 3.04 19.73
CA GLY A 85 -14.29 3.25 19.05
C GLY A 85 -14.40 4.31 17.96
N GLU A 86 -13.36 5.13 17.78
CA GLU A 86 -13.45 6.21 16.78
C GLU A 86 -13.62 5.61 15.39
N LEU A 87 -14.68 6.02 14.70
CA LEU A 87 -14.94 5.59 13.34
C LEU A 87 -14.22 6.48 12.35
N PHE A 88 -13.70 5.88 11.29
CA PHE A 88 -12.97 6.63 10.28
C PHE A 88 -13.08 5.91 8.94
N TRP A 89 -12.94 6.66 7.85
CA TRP A 89 -12.90 6.06 6.50
C TRP A 89 -11.52 5.55 6.18
N CYS A 90 -11.48 4.35 5.61
CA CYS A 90 -10.23 3.59 5.41
C CYS A 90 -10.24 3.02 4.02
N HIS A 91 -9.16 3.22 3.25
CA HIS A 91 -9.04 2.57 1.97
C HIS A 91 -8.33 1.24 2.18
N VAL A 92 -8.91 0.16 1.67
CA VAL A 92 -8.34 -1.19 1.86
C VAL A 92 -8.10 -1.83 0.51
N THR A 93 -6.96 -2.50 0.37
CA THR A 93 -6.75 -3.29 -0.85
C THR A 93 -6.28 -4.66 -0.40
N GLY A 94 -6.52 -5.66 -1.24
CA GLY A 94 -6.12 -7.01 -0.86
C GLY A 94 -5.83 -7.89 -2.07
N ARG A 95 -4.92 -8.83 -1.91
CA ARG A 95 -4.75 -9.85 -2.94
C ARG A 95 -4.60 -11.17 -2.23
N ALA A 96 -5.44 -12.12 -2.60
CA ALA A 96 -5.34 -13.48 -2.08
C ALA A 96 -4.21 -14.24 -2.73
N LEU A 97 -3.60 -15.13 -1.97
CA LEU A 97 -2.59 -16.01 -2.52
C LEU A 97 -3.17 -16.89 -3.63
N ASP A 98 -4.43 -17.34 -3.45
CA ASP A 98 -5.16 -18.10 -4.48
C ASP A 98 -6.52 -17.43 -4.63
N ARG A 99 -6.83 -16.91 -5.82
CA ARG A 99 -8.05 -16.06 -5.97
C ARG A 99 -9.35 -16.81 -5.69
N THR A 100 -9.31 -18.12 -5.88
CA THR A 100 -10.46 -18.98 -5.61
C THR A 100 -10.57 -19.35 -4.12
N ALA A 101 -9.59 -18.91 -3.33
CA ALA A 101 -9.67 -18.94 -1.87
C ALA A 101 -9.51 -17.49 -1.35
N PRO A 102 -10.53 -16.64 -1.62
CA PRO A 102 -10.33 -15.20 -1.51
C PRO A 102 -10.02 -14.69 -0.11
N LEU A 103 -10.57 -15.36 0.90
CA LEU A 103 -10.45 -14.95 2.30
C LEU A 103 -9.47 -15.83 3.08
N ALA A 104 -8.77 -16.73 2.37
CA ALA A 104 -7.71 -17.50 2.97
C ALA A 104 -6.45 -16.60 3.00
N ALA A 105 -5.27 -17.19 2.82
CA ALA A 105 -4.06 -16.35 2.95
C ALA A 105 -4.05 -15.20 1.95
N GLY A 106 -3.61 -14.03 2.41
CA GLY A 106 -3.58 -12.85 1.54
C GLY A 106 -2.74 -11.76 2.13
N VAL A 107 -2.50 -10.75 1.28
CA VAL A 107 -1.79 -9.53 1.64
CA VAL A 107 -1.81 -9.55 1.68
C VAL A 107 -2.82 -8.43 1.57
N TRP A 108 -2.94 -7.68 2.67
CA TRP A 108 -3.94 -6.61 2.79
C TRP A 108 -3.32 -5.31 3.21
N THR A 109 -3.81 -4.22 2.62
CA THR A 109 -3.33 -2.86 2.93
C THR A 109 -4.43 -2.00 3.50
N PHE A 110 -4.04 -1.05 4.37
CA PHE A 110 -4.96 -0.15 5.05
C PHE A 110 -4.39 1.25 5.05
N GLU A 111 -5.21 2.23 4.64
CA GLU A 111 -4.78 3.61 4.66
C GLU A 111 -5.92 4.47 5.17
N ASP A 112 -5.65 5.32 6.15
CA ASP A 112 -6.64 6.20 6.74
C ASP A 112 -6.91 7.33 5.75
N LEU A 113 -8.18 7.48 5.36
CA LEU A 113 -8.56 8.55 4.43
C LEU A 113 -8.85 9.89 5.10
N SER A 114 -8.90 9.90 6.43
CA SER A 114 -9.21 11.15 7.13
C SER A 114 -7.98 12.04 7.34
N ALA A 115 -6.81 11.43 7.24
CA ALA A 115 -5.54 12.05 7.60
C ALA A 115 -4.82 12.67 6.39
N ILE B 3 2.44 -16.78 4.02
CA ILE B 3 3.12 -15.84 3.08
C ILE B 3 4.36 -15.21 3.74
N ASP B 4 5.52 -15.35 3.10
CA ASP B 4 6.73 -14.70 3.62
C ASP B 4 6.85 -13.26 3.11
N TYR B 5 7.84 -12.52 3.61
CA TYR B 5 7.93 -11.10 3.27
C TYR B 5 8.21 -10.84 1.78
N LYS B 6 9.05 -11.69 1.19
CA LYS B 6 9.36 -11.60 -0.26
C LYS B 6 8.12 -11.85 -1.09
N THR B 7 7.39 -12.93 -0.78
CA THR B 7 6.12 -13.21 -1.45
C THR B 7 5.09 -12.09 -1.27
N ALA B 8 4.97 -11.54 -0.06
CA ALA B 8 4.02 -10.44 0.16
C ALA B 8 4.36 -9.26 -0.75
N PHE B 9 5.64 -8.90 -0.81
CA PHE B 9 6.09 -7.79 -1.65
C PHE B 9 5.64 -8.03 -3.12
N HIS B 10 5.92 -9.22 -3.63
CA HIS B 10 5.56 -9.53 -5.01
C HIS B 10 4.08 -9.74 -5.32
N LEU B 11 3.31 -10.13 -4.30
CA LEU B 11 1.86 -10.41 -4.43
C LEU B 11 1.01 -9.15 -4.24
N ALA B 12 1.59 -8.12 -3.62
CA ALA B 12 0.81 -6.95 -3.17
C ALA B 12 0.00 -6.33 -4.28
N PRO B 13 -1.24 -5.93 -3.98
CA PRO B 13 -2.18 -5.42 -4.95
C PRO B 13 -1.93 -3.97 -5.32
N ILE B 14 -0.89 -3.40 -4.74
CA ILE B 14 -0.44 -2.05 -5.07
C ILE B 14 1.02 -2.10 -5.50
N GLY B 15 1.42 -1.10 -6.27
CA GLY B 15 2.80 -1.01 -6.71
C GLY B 15 3.71 -0.71 -5.54
N LEU B 16 4.78 -1.47 -5.42
CA LEU B 16 5.75 -1.21 -4.34
C LEU B 16 7.14 -1.04 -4.92
N VAL B 17 7.94 -0.19 -4.28
CA VAL B 17 9.32 0.08 -4.72
C VAL B 17 10.20 0.14 -3.51
N LEU B 18 11.36 -0.54 -3.57
CA LEU B 18 12.48 -0.28 -2.65
C LEU B 18 13.43 0.66 -3.40
N SER B 19 13.61 1.88 -2.89
CA SER B 19 14.35 2.91 -3.63
C SER B 19 15.69 3.23 -2.95
N ARG B 20 16.52 3.94 -3.70
CA ARG B 20 17.74 4.54 -3.15
C ARG B 20 18.09 5.70 -4.07
N ASP B 21 18.23 6.88 -3.48
CA ASP B 21 18.52 8.12 -4.23
C ASP B 21 17.62 8.33 -5.47
N ARG B 22 16.34 8.08 -5.27
CA ARG B 22 15.30 8.26 -6.28
C ARG B 22 15.44 7.31 -7.47
N VAL B 23 16.16 6.21 -7.25
CA VAL B 23 16.26 5.13 -8.21
C VAL B 23 15.50 3.89 -7.68
N ILE B 24 14.80 3.21 -8.56
CA ILE B 24 14.08 1.99 -8.20
C ILE B 24 15.08 0.83 -8.09
N GLU B 25 15.31 0.31 -6.88
CA GLU B 25 16.23 -0.82 -6.71
CA GLU B 25 16.23 -0.82 -6.69
C GLU B 25 15.50 -2.16 -6.81
N ASP B 26 14.22 -2.16 -6.42
CA ASP B 26 13.39 -3.34 -6.58
C ASP B 26 11.96 -2.88 -6.68
N CYS B 27 11.14 -3.68 -7.35
CA CYS B 27 9.73 -3.35 -7.45
C CYS B 27 8.94 -4.62 -7.72
N ASN B 28 7.63 -4.51 -7.59
CA ASN B 28 6.78 -5.64 -7.84
C ASN B 28 6.08 -5.58 -9.21
N ASP B 29 5.37 -6.68 -9.51
CA ASP B 29 4.66 -6.80 -10.79
C ASP B 29 3.54 -5.74 -10.90
N GLU B 30 2.90 -5.39 -9.78
CA GLU B 30 1.85 -4.36 -9.84
C GLU B 30 2.40 -3.02 -10.33
N LEU B 31 3.58 -2.64 -9.85
CA LEU B 31 4.20 -1.38 -10.35
C LEU B 31 4.39 -1.42 -11.86
N ALA B 32 4.92 -2.55 -12.35
CA ALA B 32 5.09 -2.79 -13.79
C ALA B 32 3.75 -2.65 -14.53
N ALA B 33 2.69 -3.21 -13.95
CA ALA B 33 1.36 -3.16 -14.55
C ALA B 33 0.90 -1.72 -14.67
N ILE B 34 1.06 -0.95 -13.58
CA ILE B 34 0.59 0.43 -13.58
C ILE B 34 1.28 1.21 -14.69
N PHE B 35 2.59 1.01 -14.82
CA PHE B 35 3.39 1.76 -15.77
C PHE B 35 3.51 1.13 -17.16
N ARG B 36 2.73 0.08 -17.38
CA ARG B 36 2.64 -0.63 -18.65
C ARG B 36 3.98 -1.04 -19.22
N CYS B 37 4.80 -1.68 -18.39
CA CYS B 37 6.11 -2.19 -18.83
C CYS B 37 6.46 -3.46 -18.06
N ALA B 38 7.68 -3.96 -18.24
CA ALA B 38 8.17 -5.09 -17.47
C ALA B 38 8.93 -4.62 -16.23
N ARG B 39 8.99 -5.48 -15.21
CA ARG B 39 9.81 -5.15 -14.03
C ARG B 39 11.24 -4.83 -14.44
N ALA B 40 11.77 -5.61 -15.40
CA ALA B 40 13.12 -5.38 -15.92
C ALA B 40 13.30 -3.96 -16.46
N ASP B 41 12.23 -3.36 -16.97
CA ASP B 41 12.31 -1.97 -17.48
C ASP B 41 12.48 -0.95 -16.35
N LEU B 42 12.09 -1.34 -15.14
CA LEU B 42 12.04 -0.40 -14.01
C LEU B 42 13.21 -0.55 -13.06
N ILE B 43 13.76 -1.75 -12.98
CA ILE B 43 14.90 -1.99 -12.08
C ILE B 43 16.11 -1.16 -12.50
N GLY B 44 16.53 -0.29 -11.59
CA GLY B 44 17.69 0.57 -11.83
C GLY B 44 17.29 1.79 -12.63
N ARG B 45 15.99 2.04 -12.73
CA ARG B 45 15.49 3.24 -13.40
C ARG B 45 15.28 4.38 -12.40
N SER B 46 15.74 5.60 -12.75
CA SER B 46 15.37 6.80 -11.97
C SER B 46 13.84 6.97 -11.95
N PHE B 47 13.26 7.33 -10.80
CA PHE B 47 11.85 7.73 -10.76
C PHE B 47 11.52 8.81 -11.79
N GLU B 48 12.52 9.58 -12.23
CA GLU B 48 12.27 10.70 -13.19
C GLU B 48 11.43 10.29 -14.41
N VAL B 49 11.64 9.05 -14.87
CA VAL B 49 10.96 8.56 -16.08
C VAL B 49 9.45 8.34 -15.89
N LEU B 50 9.03 8.26 -14.64
CA LEU B 50 7.65 7.96 -14.28
C LEU B 50 6.88 9.27 -14.19
N TYR B 51 7.59 10.40 -14.15
CA TYR B 51 6.94 11.71 -14.08
C TYR B 51 6.61 12.25 -15.47
N PRO B 52 5.64 13.18 -15.55
CA PRO B 52 5.25 13.74 -16.84
C PRO B 52 6.42 14.43 -17.51
N SER B 53 7.31 14.98 -16.70
CA SER B 53 8.48 15.67 -17.23
C SER B 53 9.59 15.74 -16.18
N SER B 54 10.80 16.10 -16.63
CA SER B 54 11.94 16.35 -15.74
CA SER B 54 11.92 16.32 -15.72
C SER B 54 11.62 17.43 -14.72
N ASP B 55 10.94 18.50 -15.16
CA ASP B 55 10.58 19.60 -14.27
C ASP B 55 9.66 19.13 -13.14
N GLU B 56 8.74 18.25 -13.47
CA GLU B 56 7.81 17.68 -12.48
C GLU B 56 8.55 16.83 -11.45
N PHE B 57 9.46 15.99 -11.93
CA PHE B 57 10.28 15.17 -11.05
C PHE B 57 11.06 16.09 -10.08
N GLU B 58 11.60 17.19 -10.61
CA GLU B 58 12.35 18.14 -9.78
C GLU B 58 11.43 18.83 -8.77
N ARG B 59 10.27 19.29 -9.24
CA ARG B 59 9.34 20.06 -8.42
C ARG B 59 8.80 19.23 -7.26
N ILE B 60 8.31 18.04 -7.57
CA ILE B 60 7.71 17.20 -6.56
C ILE B 60 8.76 16.70 -5.56
N GLY B 61 9.99 16.48 -6.02
CA GLY B 61 11.11 16.20 -5.12
C GLY B 61 11.34 17.30 -4.08
N GLU B 62 11.28 18.56 -4.52
CA GLU B 62 11.39 19.71 -3.60
C GLU B 62 10.18 19.84 -2.66
N ARG B 63 9.06 19.21 -3.05
CA ARG B 63 7.86 19.17 -2.20
C ARG B 63 7.94 18.03 -1.19
N ILE B 64 8.54 16.92 -1.61
CA ILE B 64 8.68 15.72 -0.79
C ILE B 64 9.59 15.93 0.42
N SER B 65 10.80 16.50 0.12
CA SER B 65 11.84 16.63 1.17
C SER B 65 11.38 17.20 2.51
N PRO B 66 10.85 18.44 2.55
CA PRO B 66 10.51 19.01 3.86
C PRO B 66 9.33 18.33 4.56
N VAL B 67 8.37 17.83 3.80
CA VAL B 67 7.28 17.05 4.39
C VAL B 67 7.84 15.79 5.02
N MSE B 68 8.72 15.11 4.27
CA MSE B 68 9.28 13.85 4.76
C MSE B 68 10.16 14.04 5.98
O MSE B 68 10.13 13.24 6.93
CB MSE B 68 10.05 13.12 3.64
CG MSE B 68 10.67 11.79 4.10
SE MSE B 68 9.34 10.34 4.22
CE MSE B 68 9.37 9.80 2.34
N ILE B 69 10.96 15.11 5.97
CA ILE B 69 11.83 15.41 7.11
C ILE B 69 10.97 15.75 8.33
N ALA B 70 10.00 16.63 8.13
CA ALA B 70 9.16 17.12 9.24
C ALA B 70 8.26 16.05 9.85
N HIS B 71 7.75 15.15 9.02
CA HIS B 71 6.77 14.17 9.49
C HIS B 71 7.22 12.70 9.49
N GLY B 72 8.27 12.38 8.75
CA GLY B 72 8.79 11.03 8.71
C GLY B 72 8.07 10.11 7.74
N SER B 73 7.08 10.66 7.03
CA SER B 73 6.39 9.93 5.95
C SER B 73 5.77 10.95 5.00
N TYR B 74 5.33 10.45 3.85
CA TYR B 74 4.84 11.33 2.81
C TYR B 74 3.72 10.63 2.06
N ALA B 75 2.68 11.39 1.72
CA ALA B 75 1.65 10.86 0.85
C ALA B 75 1.10 12.01 0.02
N ASP B 76 0.84 11.71 -1.25
CA ASP B 76 0.08 12.64 -2.07
C ASP B 76 -0.67 11.94 -3.21
N ASP B 77 -1.38 12.74 -3.99
CA ASP B 77 -1.86 12.27 -5.30
C ASP B 77 -1.16 13.13 -6.33
N ARG B 78 -0.69 12.51 -7.41
CA ARG B 78 -0.13 13.30 -8.51
C ARG B 78 -0.32 12.65 -9.84
N ILE B 79 -0.07 13.43 -10.88
CA ILE B 79 -0.13 12.91 -12.22
C ILE B 79 1.24 12.30 -12.58
N MSE B 80 1.21 11.06 -13.05
CA MSE B 80 2.39 10.36 -13.51
C MSE B 80 2.21 9.91 -14.95
O MSE B 80 1.16 10.14 -15.54
CB MSE B 80 2.68 9.17 -12.57
CG MSE B 80 2.84 9.64 -11.11
SE MSE B 80 4.44 10.68 -10.83
CE MSE B 80 5.70 9.23 -10.53
N LYS B 81 3.26 9.31 -15.51
CA LYS B 81 3.34 8.95 -16.92
C LYS B 81 3.64 7.46 -17.13
N ARG B 82 2.71 6.75 -17.78
CA ARG B 82 2.95 5.35 -18.17
C ARG B 82 3.98 5.25 -19.29
N ALA B 83 4.65 4.11 -19.41
CA ALA B 83 5.45 3.83 -20.60
C ALA B 83 4.58 4.06 -21.82
N GLY B 84 5.07 4.84 -22.77
CA GLY B 84 4.29 5.17 -23.96
C GLY B 84 3.60 6.53 -23.85
N GLY B 85 3.68 7.13 -22.67
CA GLY B 85 3.27 8.54 -22.52
C GLY B 85 1.93 8.88 -21.88
N GLU B 86 1.05 7.90 -21.69
CA GLU B 86 -0.27 8.23 -21.10
C GLU B 86 -0.13 8.79 -19.69
N LEU B 87 -0.75 9.94 -19.46
CA LEU B 87 -0.74 10.59 -18.16
C LEU B 87 -1.92 10.10 -17.33
N PHE B 88 -1.68 9.86 -16.04
CA PHE B 88 -2.72 9.31 -15.18
C PHE B 88 -2.50 9.74 -13.75
N TRP B 89 -3.54 9.65 -12.95
CA TRP B 89 -3.45 10.02 -11.54
C TRP B 89 -3.06 8.81 -10.70
N CYS B 90 -2.11 9.05 -9.79
CA CYS B 90 -1.55 8.00 -8.97
C CYS B 90 -1.43 8.46 -7.52
N HIS B 91 -1.87 7.64 -6.56
CA HIS B 91 -1.65 7.99 -5.15
C HIS B 91 -0.32 7.38 -4.75
N VAL B 92 0.54 8.17 -4.13
CA VAL B 92 1.91 7.75 -3.82
C VAL B 92 2.17 7.96 -2.35
N THR B 93 2.72 6.95 -1.69
CA THR B 93 3.15 7.12 -0.28
C THR B 93 4.58 6.69 -0.15
N GLY B 94 5.29 7.25 0.82
CA GLY B 94 6.69 6.85 0.99
C GLY B 94 7.17 7.05 2.41
N ARG B 95 8.07 6.16 2.83
CA ARG B 95 8.79 6.41 4.07
C ARG B 95 10.26 6.17 3.85
N ALA B 96 11.07 7.15 4.24
CA ALA B 96 12.54 7.04 4.16
C ALA B 96 13.04 6.21 5.33
N LEU B 97 14.10 5.46 5.08
CA LEU B 97 14.76 4.69 6.12
C LEU B 97 15.30 5.62 7.22
N ASP B 98 15.75 6.82 6.82
CA ASP B 98 16.17 7.88 7.74
C ASP B 98 15.48 9.17 7.29
N ARG B 99 14.63 9.75 8.14
CA ARG B 99 13.86 10.93 7.72
C ARG B 99 14.71 12.14 7.35
N THR B 100 15.90 12.25 7.96
CA THR B 100 16.84 13.30 7.59
C THR B 100 17.58 13.02 6.27
N ALA B 101 17.33 11.87 5.68
CA ALA B 101 17.79 11.59 4.32
C ALA B 101 16.57 11.15 3.51
N PRO B 102 15.64 12.10 3.24
CA PRO B 102 14.28 11.78 2.79
C PRO B 102 14.20 11.11 1.43
N LEU B 103 15.14 11.45 0.55
CA LEU B 103 15.18 10.96 -0.82
C LEU B 103 16.25 9.88 -1.03
N ALA B 104 16.84 9.40 0.07
CA ALA B 104 17.76 8.25 0.03
C ALA B 104 16.98 6.91 0.09
N ALA B 105 17.51 5.88 0.74
CA ALA B 105 16.79 4.62 0.77
C ALA B 105 15.39 4.79 1.36
N GLY B 106 14.38 4.19 0.71
CA GLY B 106 13.06 4.18 1.31
C GLY B 106 12.14 3.17 0.66
N VAL B 107 10.94 3.08 1.22
CA VAL B 107 9.87 2.24 0.67
CA VAL B 107 9.87 2.25 0.69
C VAL B 107 8.79 3.18 0.14
N TRP B 108 8.37 2.95 -1.12
CA TRP B 108 7.38 3.79 -1.80
C TRP B 108 6.26 2.95 -2.36
N THR B 109 5.04 3.50 -2.32
CA THR B 109 3.86 2.78 -2.82
C THR B 109 3.21 3.60 -3.90
N PHE B 110 2.57 2.92 -4.86
CA PHE B 110 1.91 3.60 -5.98
C PHE B 110 0.57 2.90 -6.23
N GLU B 111 -0.50 3.66 -6.39
CA GLU B 111 -1.76 3.05 -6.71
C GLU B 111 -2.43 3.86 -7.81
N ASP B 112 -2.85 3.19 -8.90
CA ASP B 112 -3.52 3.87 -10.01
C ASP B 112 -4.90 4.27 -9.56
N LEU B 113 -5.22 5.56 -9.78
CA LEU B 113 -6.53 6.06 -9.39
C LEU B 113 -7.50 6.15 -10.57
N SER B 114 -7.17 5.48 -11.68
CA SER B 114 -8.01 5.55 -12.88
C SER B 114 -9.37 4.85 -12.75
N ALA B 115 -9.39 3.70 -12.09
CA ALA B 115 -10.63 2.95 -11.91
C ALA B 115 -11.54 3.63 -10.90
N THR B 116 -12.85 3.54 -11.14
CA THR B 116 -13.85 4.03 -10.19
C THR B 116 -13.62 3.33 -8.84
N ARG B 117 -13.64 4.11 -7.76
CA ARG B 117 -13.45 3.59 -6.42
C ARG B 117 -14.69 2.84 -5.96
N ARG B 118 -14.47 1.61 -5.49
CA ARG B 118 -15.53 0.79 -4.94
C ARG B 118 -15.74 1.26 -3.52
N VAL B 119 -16.98 1.54 -3.17
CA VAL B 119 -17.29 1.89 -1.80
C VAL B 119 -18.11 0.78 -1.18
N ALA B 120 -17.60 0.23 -0.07
CA ALA B 120 -18.36 -0.73 0.73
C ALA B 120 -18.98 -0.02 1.93
C1 EOH C . -11.21 -8.81 5.53
C2 EOH C . -11.22 -10.32 5.45
O EOH C . -12.29 -8.38 6.32
C1 EOH D . -11.24 -5.57 -8.57
C2 EOH D . -11.31 -4.37 -9.50
O EOH D . -10.79 -5.19 -7.30
C1 EDO E . -20.89 -7.14 18.13
O1 EDO E . -21.78 -8.06 17.53
C2 EDO E . -20.67 -6.07 17.07
O2 EDO E . -19.36 -5.56 17.23
C1 EDO F . 3.66 -14.87 9.04
O1 EDO F . 2.54 -14.36 8.31
C2 EDO F . 4.90 -14.34 8.35
O2 EDO F . 5.37 -13.22 9.11
NA NA G . -7.55 -13.46 5.14
C1 EOH H . 10.36 10.14 -5.68
C2 EOH H . 11.76 10.40 -5.21
O EOH H . 10.01 11.01 -6.72
C1 EOH I . -2.46 -1.08 -13.34
C2 EOH I . -3.45 -2.00 -12.66
O EOH I . -2.94 0.20 -13.76
C1 EDO J . 11.38 16.30 -19.72
O1 EDO J . 10.74 15.32 -20.53
C2 EDO J . 12.75 16.67 -20.29
O2 EDO J . 13.55 15.47 -20.39
NA NA K . 14.84 7.17 -2.92
#